data_4FGB
#
_entry.id   4FGB
#
_cell.length_a   91.046
_cell.length_b   67.700
_cell.length_c   56.138
_cell.angle_alpha   90.000
_cell.angle_beta   99.750
_cell.angle_gamma   90.000
#
_symmetry.space_group_name_H-M   'C 1 2 1'
#
loop_
_entity.id
_entity.type
_entity.pdbx_description
1 polymer 'Calcium/calmodulin-dependent protein kinase type 1'
2 water water
#
_entity_poly.entity_id   1
_entity_poly.type   'polypeptide(L)'
_entity_poly.pdbx_seq_one_letter_code
;MLGAVEGPRWKQAEDIRDIYDFRDVLGTGAFSEVILAEDKRTQKLVAIKCIAKEALEGKEGSMENEIAVLHKIKHPNIVA
LDDIYESGGHLYLIMQLVSGGELFDRIVEKGFYTERDASRLIFQVLDAVKYLHDLGIVHRDLKPENLLYYSLDEDSKIMI
SDFGLSKMEDPGSVLSTACGTPGYVAPEVLAQKPYSKAVDCWSIGVIAYILLCGYPPFYDENDAKLFEQILKAEYEFDSP
YWDDISDSAKDFIRHLMEKDPEKRFTCEQALQHPWIAGDTALDKNIHQSVSEQIKKNFAKSKWKQAFNATAVVRHMRKLQ
;
_entity_poly.pdbx_strand_id   A
#
# COMPACT_ATOMS: atom_id res chain seq x y z
N TRP A 10 -2.33 4.55 -25.35
CA TRP A 10 -3.77 4.73 -24.99
C TRP A 10 -4.69 3.96 -25.93
N LYS A 11 -4.61 2.64 -25.86
CA LYS A 11 -5.36 1.74 -26.74
C LYS A 11 -6.88 1.94 -26.67
N GLN A 12 -7.56 1.68 -27.78
CA GLN A 12 -9.01 1.84 -27.81
C GLN A 12 -9.64 0.50 -27.98
N ALA A 13 -10.82 0.35 -27.39
CA ALA A 13 -11.56 -0.88 -27.46
C ALA A 13 -13.03 -0.55 -27.44
N GLU A 14 -13.78 -1.18 -28.34
CA GLU A 14 -15.23 -0.98 -28.40
C GLU A 14 -15.87 -1.68 -27.19
N ASP A 15 -15.42 -2.91 -26.93
CA ASP A 15 -15.90 -3.66 -25.76
C ASP A 15 -14.70 -4.29 -25.05
N ILE A 16 -14.59 -4.03 -23.75
CA ILE A 16 -13.47 -4.51 -22.94
C ILE A 16 -13.54 -6.03 -22.75
N ARG A 17 -14.75 -6.58 -22.84
CA ARG A 17 -14.95 -8.03 -22.81
C ARG A 17 -14.45 -8.73 -24.07
N ASP A 18 -14.15 -7.95 -25.11
CA ASP A 18 -13.61 -8.53 -26.34
C ASP A 18 -12.09 -8.65 -26.27
N ILE A 19 -11.47 -7.97 -25.31
CA ILE A 19 -10.03 -8.03 -25.15
C ILE A 19 -9.69 -8.95 -24.00
N TYR A 20 -10.44 -8.81 -22.92
CA TYR A 20 -10.16 -9.53 -21.69
C TYR A 20 -11.41 -10.23 -21.18
N ASP A 21 -11.21 -11.41 -20.62
CA ASP A 21 -12.26 -12.08 -19.90
C ASP A 21 -11.95 -11.88 -18.44
N PHE A 22 -12.96 -11.53 -17.66
CA PHE A 22 -12.75 -11.19 -16.28
C PHE A 22 -13.04 -12.37 -15.39
N ARG A 23 -12.40 -12.39 -14.23
CA ARG A 23 -12.74 -13.33 -13.19
C ARG A 23 -13.37 -12.60 -11.99
N ASP A 24 -12.55 -12.20 -11.02
CA ASP A 24 -13.08 -11.56 -9.81
C ASP A 24 -12.23 -10.41 -9.28
N VAL A 25 -12.71 -9.72 -8.25
CA VAL A 25 -12.06 -8.51 -7.74
C VAL A 25 -10.79 -8.84 -6.97
N LEU A 26 -9.69 -8.22 -7.36
CA LEU A 26 -8.43 -8.32 -6.61
C LEU A 26 -8.38 -7.30 -5.48
N GLY A 27 -9.13 -6.22 -5.62
CA GLY A 27 -9.19 -5.19 -4.60
C GLY A 27 -9.93 -3.94 -5.06
N THR A 28 -11.15 -3.78 -4.57
CA THR A 28 -11.96 -2.61 -4.90
C THR A 28 -11.36 -1.33 -4.31
N GLY A 29 -11.78 -0.19 -4.85
CA GLY A 29 -11.46 1.12 -4.31
C GLY A 29 -12.73 1.93 -4.25
N ALA A 30 -12.62 3.23 -4.52
CA ALA A 30 -13.77 4.12 -4.53
C ALA A 30 -14.52 4.04 -5.88
N PHE A 31 -14.14 4.89 -6.82
CA PHE A 31 -14.68 4.86 -8.17
C PHE A 31 -13.99 3.80 -9.05
N SER A 32 -13.29 2.86 -8.41
CA SER A 32 -12.40 1.97 -9.13
C SER A 32 -12.50 0.53 -8.63
N GLU A 33 -12.35 -0.42 -9.54
CA GLU A 33 -12.36 -1.82 -9.17
C GLU A 33 -11.29 -2.60 -9.91
N VAL A 34 -10.28 -3.06 -9.17
CA VAL A 34 -9.27 -3.91 -9.78
C VAL A 34 -9.82 -5.32 -9.89
N ILE A 35 -9.94 -5.82 -11.13
CA ILE A 35 -10.37 -7.20 -11.37
C ILE A 35 -9.29 -7.97 -12.12
N LEU A 36 -9.15 -9.26 -11.80
CA LEU A 36 -8.21 -10.09 -12.54
C LEU A 36 -8.83 -10.47 -13.87
N ALA A 37 -8.02 -10.44 -14.92
CA ALA A 37 -8.50 -10.76 -16.23
C ALA A 37 -7.46 -11.50 -17.00
N GLU A 38 -7.92 -12.24 -18.01
CA GLU A 38 -7.05 -12.93 -18.93
C GLU A 38 -7.23 -12.31 -20.31
N ASP A 39 -6.12 -12.03 -20.96
CA ASP A 39 -6.09 -11.53 -22.31
C ASP A 39 -6.63 -12.59 -23.26
N LYS A 40 -7.78 -12.31 -23.85
CA LYS A 40 -8.48 -13.27 -24.69
C LYS A 40 -7.60 -13.92 -25.75
N ARG A 41 -6.80 -13.13 -26.45
CA ARG A 41 -6.02 -13.64 -27.58
C ARG A 41 -4.53 -13.82 -27.37
N THR A 42 -4.10 -13.81 -26.10
CA THR A 42 -2.75 -14.21 -25.72
C THR A 42 -2.70 -15.06 -24.41
N GLN A 43 -3.83 -15.08 -23.67
CA GLN A 43 -3.96 -15.83 -22.41
C GLN A 43 -3.08 -15.32 -21.27
N LYS A 44 -2.77 -14.04 -21.30
CA LYS A 44 -1.96 -13.43 -20.24
C LYS A 44 -2.86 -12.95 -19.12
N LEU A 45 -2.58 -13.38 -17.90
CA LEU A 45 -3.32 -12.92 -16.74
C LEU A 45 -2.84 -11.55 -16.34
N VAL A 46 -3.79 -10.65 -16.17
CA VAL A 46 -3.48 -9.28 -15.90
C VAL A 46 -4.43 -8.76 -14.83
N ALA A 47 -4.02 -7.66 -14.19
CA ALA A 47 -4.85 -6.94 -13.25
C ALA A 47 -5.38 -5.71 -13.97
N ILE A 48 -6.68 -5.51 -13.93
CA ILE A 48 -7.29 -4.42 -14.67
C ILE A 48 -7.95 -3.44 -13.72
N LYS A 49 -7.39 -2.24 -13.64
CA LYS A 49 -8.00 -1.16 -12.90
C LYS A 49 -9.05 -0.51 -13.78
N CYS A 50 -10.31 -0.79 -13.49
CA CYS A 50 -11.41 -0.18 -14.20
C CYS A 50 -11.89 1.11 -13.49
N ILE A 51 -12.05 2.18 -14.25
CA ILE A 51 -12.63 3.41 -13.73
C ILE A 51 -13.67 4.01 -14.68
N ALA A 52 -14.78 4.50 -14.12
CA ALA A 52 -15.79 5.23 -14.87
C ALA A 52 -16.21 6.53 -14.13
N LYS A 53 -16.50 7.59 -14.89
CA LYS A 53 -17.00 8.85 -14.30
C LYS A 53 -18.25 9.33 -15.02
N SER A 62 -7.06 15.54 -16.94
CA SER A 62 -6.57 15.82 -15.59
C SER A 62 -6.15 14.53 -14.90
N MET A 63 -7.08 13.58 -14.79
CA MET A 63 -6.79 12.26 -14.23
C MET A 63 -6.12 11.39 -15.29
N GLU A 64 -6.48 11.62 -16.55
CA GLU A 64 -5.84 10.95 -17.68
C GLU A 64 -4.35 11.36 -17.79
N ASN A 65 -3.98 12.44 -17.11
CA ASN A 65 -2.59 12.83 -17.02
C ASN A 65 -1.90 12.03 -15.94
N GLU A 66 -2.62 11.74 -14.86
CA GLU A 66 -2.10 10.88 -13.80
C GLU A 66 -1.83 9.49 -14.39
N ILE A 67 -2.84 8.95 -15.08
CA ILE A 67 -2.76 7.65 -15.76
C ILE A 67 -1.68 7.60 -16.83
N ALA A 68 -1.55 8.66 -17.61
CA ALA A 68 -0.46 8.79 -18.59
C ALA A 68 0.89 8.61 -17.93
N VAL A 69 1.13 9.40 -16.88
CA VAL A 69 2.35 9.35 -16.09
C VAL A 69 2.55 7.94 -15.49
N LEU A 70 1.46 7.33 -15.03
CA LEU A 70 1.51 5.96 -14.51
C LEU A 70 1.99 4.95 -15.53
N HIS A 71 1.61 5.17 -16.78
CA HIS A 71 2.01 4.31 -17.89
C HIS A 71 3.50 4.44 -18.15
N LYS A 72 4.07 5.57 -17.74
CA LYS A 72 5.49 5.84 -17.90
C LYS A 72 6.26 5.46 -16.64
N ILE A 73 5.53 5.21 -15.55
CA ILE A 73 6.14 4.70 -14.32
C ILE A 73 6.93 3.41 -14.62
N LYS A 74 8.22 3.42 -14.27
CA LYS A 74 9.07 2.24 -14.37
C LYS A 74 9.91 2.09 -13.12
N HIS A 75 9.56 1.10 -12.30
CA HIS A 75 10.26 0.84 -11.06
C HIS A 75 10.09 -0.62 -10.67
N PRO A 76 11.17 -1.25 -10.18
CA PRO A 76 11.09 -2.65 -9.81
C PRO A 76 10.02 -2.96 -8.75
N ASN A 77 9.71 -2.00 -7.90
CA ASN A 77 8.83 -2.24 -6.76
C ASN A 77 7.42 -1.74 -6.99
N ILE A 78 7.16 -1.24 -8.18
CA ILE A 78 5.83 -0.77 -8.56
C ILE A 78 5.34 -1.60 -9.73
N VAL A 79 4.09 -2.04 -9.64
CA VAL A 79 3.43 -2.76 -10.73
C VAL A 79 3.50 -1.96 -12.04
N ALA A 80 3.93 -2.61 -13.12
CA ALA A 80 4.03 -1.93 -14.39
C ALA A 80 2.63 -1.80 -14.94
N LEU A 81 2.25 -0.59 -15.28
CA LEU A 81 1.01 -0.36 -15.99
C LEU A 81 1.28 -0.67 -17.47
N ASP A 82 0.94 -1.89 -17.89
CA ASP A 82 1.26 -2.41 -19.23
C ASP A 82 0.71 -1.50 -20.30
N ASP A 83 -0.57 -1.16 -20.17
CA ASP A 83 -1.23 -0.19 -21.02
C ASP A 83 -2.60 0.19 -20.49
N ILE A 84 -3.24 1.12 -21.18
CA ILE A 84 -4.54 1.60 -20.79
C ILE A 84 -5.52 1.39 -21.94
N TYR A 85 -6.72 0.94 -21.61
CA TYR A 85 -7.78 0.77 -22.59
C TYR A 85 -8.90 1.76 -22.32
N GLU A 86 -9.46 2.30 -23.39
CA GLU A 86 -10.62 3.17 -23.30
C GLU A 86 -11.81 2.50 -23.97
N SER A 87 -12.97 2.58 -23.33
CA SER A 87 -14.22 2.17 -23.97
C SER A 87 -15.30 3.23 -23.78
N GLY A 88 -15.22 4.27 -24.61
CA GLY A 88 -16.20 5.36 -24.60
C GLY A 88 -16.24 6.05 -23.24
N GLY A 89 -17.13 5.54 -22.39
CA GLY A 89 -17.23 6.01 -21.02
C GLY A 89 -16.73 4.90 -20.10
N HIS A 90 -15.42 4.72 -20.08
CA HIS A 90 -14.72 3.73 -19.21
C HIS A 90 -13.22 3.66 -19.56
N LEU A 91 -12.37 3.67 -18.53
CA LEU A 91 -10.93 3.47 -18.71
C LEU A 91 -10.52 2.23 -17.98
N TYR A 92 -9.66 1.46 -18.63
CA TYR A 92 -9.22 0.21 -18.06
C TYR A 92 -7.70 0.21 -18.03
N LEU A 93 -7.16 0.29 -16.82
CA LEU A 93 -5.72 0.33 -16.61
C LEU A 93 -5.23 -1.10 -16.47
N ILE A 94 -4.55 -1.59 -17.51
CA ILE A 94 -4.02 -2.94 -17.49
C ILE A 94 -2.66 -3.00 -16.78
N MET A 95 -2.70 -3.50 -15.56
CA MET A 95 -1.52 -3.59 -14.72
C MET A 95 -0.90 -4.96 -14.83
N GLN A 96 0.42 -5.00 -14.62
CA GLN A 96 1.13 -6.24 -14.49
C GLN A 96 0.52 -7.01 -13.33
N LEU A 97 0.11 -8.24 -13.56
CA LEU A 97 -0.46 -9.04 -12.50
C LEU A 97 0.67 -9.51 -11.61
N VAL A 98 0.49 -9.33 -10.30
CA VAL A 98 1.52 -9.65 -9.31
C VAL A 98 1.04 -10.71 -8.33
N SER A 99 1.51 -11.94 -8.53
CA SER A 99 0.89 -13.09 -7.89
C SER A 99 1.74 -13.79 -6.83
N GLY A 100 2.62 -13.04 -6.18
CA GLY A 100 3.46 -13.61 -5.14
C GLY A 100 2.71 -13.77 -3.84
N GLY A 101 1.61 -13.05 -3.70
CA GLY A 101 0.79 -13.12 -2.51
C GLY A 101 0.74 -11.78 -1.83
N GLU A 102 -0.24 -11.61 -0.95
CA GLU A 102 -0.36 -10.41 -0.14
C GLU A 102 0.77 -10.34 0.87
N LEU A 103 1.19 -9.12 1.19
CA LEU A 103 2.31 -8.91 2.09
C LEU A 103 2.17 -9.76 3.35
N PHE A 104 1.05 -9.58 4.05
CA PHE A 104 0.82 -10.20 5.34
C PHE A 104 0.69 -11.71 5.24
N ASP A 105 -0.01 -12.16 4.19
CA ASP A 105 -0.11 -13.59 3.89
C ASP A 105 1.26 -14.25 3.81
N ARG A 106 2.20 -13.58 3.14
CA ARG A 106 3.52 -14.14 2.92
C ARG A 106 4.42 -14.00 4.13
N ILE A 107 4.16 -13.00 4.96
CA ILE A 107 4.85 -12.90 6.24
C ILE A 107 4.47 -14.10 7.12
N VAL A 108 3.18 -14.41 7.17
CA VAL A 108 2.66 -15.57 7.88
C VAL A 108 3.27 -16.87 7.38
N GLU A 109 3.44 -16.99 6.06
CA GLU A 109 3.97 -18.20 5.44
C GLU A 109 5.44 -18.42 5.78
N LYS A 110 6.18 -17.33 6.03
CA LYS A 110 7.62 -17.38 6.34
C LYS A 110 7.92 -18.28 7.53
N GLY A 111 9.19 -18.67 7.64
CA GLY A 111 9.71 -19.26 8.87
C GLY A 111 10.50 -18.22 9.67
N PHE A 112 11.52 -17.67 9.02
CA PHE A 112 12.41 -16.72 9.65
C PHE A 112 12.03 -15.29 9.20
N TYR A 113 11.36 -14.57 10.10
CA TYR A 113 10.95 -13.21 9.86
C TYR A 113 11.53 -12.25 10.87
N THR A 114 12.25 -11.25 10.38
CA THR A 114 12.97 -10.32 11.26
C THR A 114 12.65 -8.87 10.90
N GLU A 115 13.14 -7.95 11.75
CA GLU A 115 13.13 -6.51 11.46
C GLU A 115 13.85 -6.24 10.16
N ARG A 116 14.95 -6.96 9.92
CA ARG A 116 15.70 -6.83 8.67
C ARG A 116 14.78 -7.11 7.47
N ASP A 117 13.98 -8.18 7.57
CA ASP A 117 12.99 -8.50 6.55
C ASP A 117 11.99 -7.37 6.39
N ALA A 118 11.43 -6.92 7.51
CA ALA A 118 10.51 -5.78 7.49
C ALA A 118 11.15 -4.50 6.95
N SER A 119 12.41 -4.29 7.32
CA SER A 119 13.17 -3.14 6.86
C SER A 119 13.39 -3.23 5.35
N ARG A 120 13.73 -4.42 4.87
CA ARG A 120 13.90 -4.67 3.43
C ARG A 120 12.60 -4.56 2.69
N LEU A 121 11.50 -4.92 3.34
CA LEU A 121 10.16 -4.72 2.78
C LEU A 121 9.77 -3.26 2.71
N ILE A 122 10.00 -2.55 3.81
CA ILE A 122 9.70 -1.13 3.88
C ILE A 122 10.58 -0.34 2.91
N PHE A 123 11.87 -0.68 2.84
CA PHE A 123 12.79 0.01 1.96
C PHE A 123 12.24 -0.02 0.54
N GLN A 124 11.78 -1.20 0.14
CA GLN A 124 11.22 -1.35 -1.18
C GLN A 124 9.99 -0.47 -1.39
N VAL A 125 9.09 -0.40 -0.42
CA VAL A 125 7.89 0.42 -0.56
C VAL A 125 8.32 1.88 -0.58
N LEU A 126 9.21 2.24 0.34
CA LEU A 126 9.71 3.62 0.44
C LEU A 126 10.37 4.09 -0.83
N ASP A 127 11.27 3.27 -1.36
CA ASP A 127 11.98 3.58 -2.59
C ASP A 127 11.00 3.70 -3.75
N ALA A 128 10.00 2.84 -3.76
CA ALA A 128 8.95 2.88 -4.77
C ALA A 128 8.10 4.14 -4.63
N VAL A 129 7.76 4.48 -3.39
CA VAL A 129 6.96 5.64 -3.14
C VAL A 129 7.77 6.91 -3.39
N LYS A 130 9.08 6.83 -3.15
CA LYS A 130 9.98 7.96 -3.41
C LYS A 130 9.99 8.23 -4.89
N TYR A 131 10.00 7.15 -5.64
CA TYR A 131 9.97 7.23 -7.08
C TYR A 131 8.71 7.91 -7.54
N LEU A 132 7.57 7.44 -7.05
CA LEU A 132 6.28 8.04 -7.41
C LEU A 132 6.25 9.53 -7.06
N HIS A 133 6.85 9.87 -5.92
CA HIS A 133 6.85 11.24 -5.43
C HIS A 133 7.77 12.12 -6.24
N ASP A 134 8.90 11.58 -6.71
CA ASP A 134 9.79 12.30 -7.63
C ASP A 134 9.04 12.67 -8.90
N LEU A 135 8.10 11.82 -9.28
CA LEU A 135 7.35 12.00 -10.50
C LEU A 135 6.05 12.72 -10.20
N GLY A 136 5.87 13.10 -8.93
CA GLY A 136 4.74 13.91 -8.48
C GLY A 136 3.42 13.19 -8.41
N ILE A 137 3.50 11.87 -8.36
CA ILE A 137 2.30 11.05 -8.23
C ILE A 137 2.20 10.52 -6.80
N VAL A 138 1.10 10.85 -6.13
CA VAL A 138 0.85 10.33 -4.79
C VAL A 138 -0.02 9.08 -4.87
N HIS A 139 0.44 8.02 -4.21
CA HIS A 139 -0.29 6.77 -4.18
C HIS A 139 -1.71 6.96 -3.71
N ARG A 140 -1.87 7.50 -2.50
CA ARG A 140 -3.18 7.77 -1.92
C ARG A 140 -3.83 6.51 -1.35
N ASP A 141 -3.36 5.35 -1.80
CA ASP A 141 -4.00 4.09 -1.42
C ASP A 141 -2.96 3.09 -0.98
N LEU A 142 -1.99 3.57 -0.23
CA LEU A 142 -0.89 2.73 0.23
C LEU A 142 -1.37 1.81 1.35
N LYS A 143 -1.76 0.61 0.98
CA LYS A 143 -2.27 -0.35 1.94
C LYS A 143 -1.68 -1.73 1.65
N PRO A 144 -1.64 -2.61 2.66
CA PRO A 144 -1.08 -3.97 2.51
C PRO A 144 -1.74 -4.81 1.43
N GLU A 145 -3.03 -4.60 1.19
CA GLU A 145 -3.71 -5.27 0.09
C GLU A 145 -3.15 -4.83 -1.29
N ASN A 146 -2.46 -3.69 -1.30
CA ASN A 146 -1.86 -3.11 -2.51
C ASN A 146 -0.37 -3.40 -2.55
N LEU A 147 0.10 -4.10 -1.52
CA LEU A 147 1.51 -4.47 -1.45
C LEU A 147 1.61 -5.95 -1.59
N LEU A 148 1.98 -6.39 -2.79
CA LEU A 148 2.07 -7.81 -3.09
C LEU A 148 3.48 -8.24 -3.52
N TYR A 149 3.83 -9.48 -3.23
CA TYR A 149 5.09 -10.05 -3.65
C TYR A 149 5.09 -10.34 -5.14
N TYR A 150 6.21 -10.10 -5.79
CA TYR A 150 6.28 -10.22 -7.24
C TYR A 150 6.16 -11.67 -7.65
N SER A 151 6.83 -12.53 -6.90
CA SER A 151 6.81 -13.95 -7.16
C SER A 151 6.58 -14.72 -5.87
N LEU A 152 6.23 -15.99 -6.02
CA LEU A 152 6.02 -16.85 -4.86
C LEU A 152 7.33 -17.20 -4.14
N ASP A 153 8.44 -16.77 -4.72
CA ASP A 153 9.78 -17.03 -4.18
C ASP A 153 10.00 -16.35 -2.83
N GLU A 154 10.86 -16.96 -2.01
CA GLU A 154 11.09 -16.51 -0.63
C GLU A 154 11.67 -15.10 -0.58
N ASP A 155 12.55 -14.80 -1.53
CA ASP A 155 13.34 -13.58 -1.54
C ASP A 155 12.67 -12.48 -2.38
N SER A 156 11.45 -12.75 -2.84
CA SER A 156 10.77 -11.92 -3.83
C SER A 156 10.67 -10.44 -3.44
N LYS A 157 10.72 -9.57 -4.45
CA LYS A 157 10.49 -8.14 -4.25
C LYS A 157 9.00 -7.90 -4.08
N ILE A 158 8.65 -6.94 -3.24
CA ILE A 158 7.26 -6.55 -3.13
C ILE A 158 6.93 -5.46 -4.14
N MET A 159 5.67 -5.45 -4.53
CA MET A 159 5.20 -4.51 -5.52
C MET A 159 4.07 -3.72 -4.93
N ILE A 160 4.12 -2.41 -5.13
CA ILE A 160 2.93 -1.61 -5.06
C ILE A 160 2.09 -2.02 -6.27
N SER A 161 0.92 -2.61 -6.02
CA SER A 161 0.16 -3.28 -7.07
C SER A 161 -1.05 -2.50 -7.57
N ASP A 162 -1.37 -1.41 -6.89
CA ASP A 162 -2.49 -0.59 -7.29
C ASP A 162 -2.09 0.83 -7.12
N PHE A 163 -2.99 1.74 -7.47
CA PHE A 163 -2.77 3.15 -7.24
C PHE A 163 -4.06 3.79 -6.77
N GLY A 164 -3.94 4.80 -5.92
CA GLY A 164 -5.06 5.70 -5.65
C GLY A 164 -4.98 6.80 -6.68
N LEU A 165 -5.96 6.85 -7.56
CA LEU A 165 -5.98 7.88 -8.60
C LEU A 165 -6.48 9.21 -8.05
N SER A 166 -6.11 10.31 -8.70
CA SER A 166 -6.50 11.66 -8.24
C SER A 166 -7.91 11.74 -7.64
N LYS A 167 -8.88 11.09 -8.28
CA LYS A 167 -10.25 11.11 -7.79
C LYS A 167 -10.41 10.26 -6.52
N MET A 168 -9.35 10.16 -5.75
CA MET A 168 -9.44 9.65 -4.40
C MET A 168 -9.41 10.85 -3.45
N GLU A 169 -8.85 11.95 -3.93
CA GLU A 169 -8.85 13.22 -3.20
C GLU A 169 -10.25 13.82 -3.11
N ASP A 170 -11.13 13.42 -4.04
CA ASP A 170 -12.52 13.85 -4.02
C ASP A 170 -13.20 13.40 -2.71
N PRO A 171 -13.93 14.32 -2.04
CA PRO A 171 -14.41 14.12 -0.67
C PRO A 171 -15.30 12.88 -0.51
N GLY A 172 -15.96 12.47 -1.59
CA GLY A 172 -16.81 11.29 -1.57
C GLY A 172 -15.95 10.06 -1.36
N SER A 173 -14.84 10.03 -2.09
CA SER A 173 -13.87 8.94 -2.02
C SER A 173 -13.17 8.96 -0.69
N VAL A 174 -12.90 10.17 -0.19
CA VAL A 174 -12.24 10.34 1.09
C VAL A 174 -13.04 9.69 2.21
N LEU A 175 -14.36 9.89 2.20
CA LEU A 175 -15.22 9.35 3.25
C LEU A 175 -15.45 7.88 3.07
N SER A 176 -15.40 7.44 1.81
CA SER A 176 -15.43 6.03 1.50
C SER A 176 -14.16 5.36 2.02
N THR A 177 -13.04 6.06 1.89
CA THR A 177 -11.76 5.57 2.38
C THR A 177 -11.88 5.46 3.90
N ALA A 178 -12.49 6.47 4.51
CA ALA A 178 -12.75 6.49 5.95
C ALA A 178 -13.61 5.32 6.41
N CYS A 179 -14.59 4.94 5.60
CA CYS A 179 -15.51 3.87 5.99
C CYS A 179 -14.96 2.47 5.74
N GLY A 180 -13.94 2.38 4.89
CA GLY A 180 -13.40 1.09 4.47
C GLY A 180 -12.54 0.50 5.56
N THR A 181 -11.24 0.66 5.43
CA THR A 181 -10.33 0.32 6.51
C THR A 181 -9.64 1.62 6.95
N PRO A 182 -10.25 2.31 7.91
CA PRO A 182 -9.79 3.61 8.40
C PRO A 182 -8.32 3.62 8.85
N GLY A 183 -7.77 2.44 9.14
CA GLY A 183 -6.44 2.33 9.73
C GLY A 183 -5.30 2.71 8.82
N TYR A 184 -5.50 2.60 7.51
CA TYR A 184 -4.42 2.85 6.57
C TYR A 184 -4.41 4.26 6.04
N VAL A 185 -5.43 5.03 6.39
CA VAL A 185 -5.55 6.37 5.87
C VAL A 185 -5.02 7.39 6.87
N ALA A 186 -4.37 8.42 6.34
CA ALA A 186 -3.67 9.37 7.17
C ALA A 186 -4.65 10.24 7.94
N PRO A 187 -4.23 10.79 9.10
CA PRO A 187 -4.99 11.71 9.91
C PRO A 187 -5.59 12.87 9.12
N GLU A 188 -4.76 13.50 8.29
CA GLU A 188 -5.20 14.62 7.46
C GLU A 188 -6.33 14.21 6.51
N VAL A 189 -6.19 13.05 5.86
CA VAL A 189 -7.17 12.60 4.88
C VAL A 189 -8.51 12.38 5.55
N LEU A 190 -8.47 11.74 6.72
CA LEU A 190 -9.64 11.62 7.58
C LEU A 190 -10.23 12.98 7.98
N ALA A 191 -9.36 13.97 8.18
CA ALA A 191 -9.79 15.31 8.53
C ALA A 191 -10.32 16.06 7.31
N GLN A 192 -10.52 15.36 6.21
CA GLN A 192 -11.01 15.95 4.97
C GLN A 192 -10.07 17.05 4.47
N LYS A 193 -8.85 17.02 5.00
CA LYS A 193 -7.72 17.83 4.54
C LYS A 193 -7.15 17.14 3.30
N PRO A 194 -6.67 17.90 2.30
CA PRO A 194 -6.24 17.32 1.01
C PRO A 194 -5.04 16.40 1.12
N TYR A 195 -4.94 15.48 0.17
CA TYR A 195 -3.84 14.52 0.10
C TYR A 195 -2.53 15.22 -0.16
N SER A 196 -1.45 14.62 0.29
CA SER A 196 -0.12 15.08 -0.04
C SER A 196 0.77 13.86 0.00
N LYS A 197 2.00 14.04 -0.45
CA LYS A 197 3.01 13.00 -0.43
C LYS A 197 3.17 12.43 0.97
N ALA A 198 2.99 13.26 2.00
CA ALA A 198 3.04 12.80 3.40
C ALA A 198 2.06 11.66 3.69
N VAL A 199 0.92 11.67 3.00
CA VAL A 199 -0.13 10.68 3.22
C VAL A 199 0.40 9.26 2.99
N ASP A 200 1.20 9.11 1.95
CA ASP A 200 1.82 7.84 1.62
C ASP A 200 2.77 7.40 2.70
N CYS A 201 3.60 8.35 3.15
CA CYS A 201 4.59 8.09 4.19
C CYS A 201 3.93 7.63 5.48
N TRP A 202 2.82 8.27 5.82
CA TRP A 202 2.01 7.79 6.93
C TRP A 202 1.68 6.32 6.77
N SER A 203 1.21 5.96 5.60
CA SER A 203 0.76 4.61 5.33
C SER A 203 1.90 3.61 5.33
N ILE A 204 3.07 4.03 4.89
CA ILE A 204 4.27 3.22 5.02
C ILE A 204 4.57 3.02 6.48
N GLY A 205 4.39 4.06 7.30
CA GLY A 205 4.56 3.95 8.74
C GLY A 205 3.65 2.92 9.37
N VAL A 206 2.39 2.99 8.97
CA VAL A 206 1.38 2.07 9.41
C VAL A 206 1.71 0.66 8.93
N ILE A 207 2.13 0.53 7.68
CA ILE A 207 2.53 -0.78 7.17
C ILE A 207 3.71 -1.28 7.98
N ALA A 208 4.70 -0.43 8.18
CA ALA A 208 5.86 -0.75 8.99
C ALA A 208 5.43 -1.27 10.33
N TYR A 209 4.49 -0.55 10.95
CA TYR A 209 4.02 -0.89 12.27
C TYR A 209 3.48 -2.30 12.27
N ILE A 210 2.64 -2.62 11.27
CA ILE A 210 2.03 -3.93 11.18
C ILE A 210 3.06 -5.00 10.82
N LEU A 211 4.04 -4.64 10.00
CA LEU A 211 5.08 -5.58 9.66
C LEU A 211 5.86 -6.02 10.87
N LEU A 212 5.93 -5.17 11.89
CA LEU A 212 6.74 -5.48 13.06
C LEU A 212 5.99 -6.11 14.24
N CYS A 213 4.67 -5.98 14.24
CA CYS A 213 3.89 -6.62 15.28
C CYS A 213 2.80 -7.56 14.76
N GLY A 214 2.28 -7.28 13.58
CA GLY A 214 1.22 -8.09 12.99
C GLY A 214 -0.18 -7.57 13.20
N TYR A 215 -0.31 -6.42 13.86
CA TYR A 215 -1.63 -5.86 14.07
C TYR A 215 -1.69 -4.37 13.73
N PRO A 216 -2.89 -3.86 13.40
CA PRO A 216 -3.04 -2.45 13.10
C PRO A 216 -2.62 -1.56 14.28
N PRO A 217 -1.99 -0.43 13.99
CA PRO A 217 -1.71 0.48 15.06
C PRO A 217 -3.00 1.07 15.64
N PHE A 218 -4.08 1.01 14.87
CA PHE A 218 -5.38 1.54 15.30
C PHE A 218 -6.43 0.46 15.21
N TYR A 219 -7.07 0.15 16.35
CA TYR A 219 -7.76 -1.12 16.55
C TYR A 219 -8.85 -1.09 17.63
N ASP A 220 -9.57 0.02 17.72
CA ASP A 220 -10.68 0.07 18.67
C ASP A 220 -11.93 -0.61 18.11
N GLU A 221 -12.72 -1.21 18.99
CA GLU A 221 -13.96 -1.86 18.59
C GLU A 221 -14.99 -0.82 18.23
N ASN A 222 -14.87 0.35 18.84
CA ASN A 222 -15.74 1.49 18.55
C ASN A 222 -15.17 2.36 17.43
N ASP A 223 -15.97 2.55 16.39
CA ASP A 223 -15.54 3.38 15.26
C ASP A 223 -15.06 4.79 15.69
N ALA A 224 -15.88 5.50 16.46
CA ALA A 224 -15.52 6.84 16.88
C ALA A 224 -14.15 6.86 17.53
N LYS A 225 -13.93 5.96 18.48
CA LYS A 225 -12.66 5.84 19.18
C LYS A 225 -11.52 5.51 18.19
N LEU A 226 -11.85 4.65 17.21
CA LEU A 226 -10.92 4.25 16.16
C LEU A 226 -10.47 5.45 15.37
N PHE A 227 -11.40 6.31 14.95
CA PHE A 227 -11.01 7.48 14.18
C PHE A 227 -10.24 8.45 15.06
N GLU A 228 -10.68 8.56 16.30
CA GLU A 228 -10.06 9.44 17.28
C GLU A 228 -8.59 9.05 17.39
N GLN A 229 -8.31 7.74 17.47
CA GLN A 229 -6.94 7.23 17.59
C GLN A 229 -6.13 7.67 16.38
N ILE A 230 -6.66 7.44 15.18
CA ILE A 230 -5.98 7.80 13.96
C ILE A 230 -5.79 9.31 13.84
N LEU A 231 -6.85 10.09 14.06
CA LEU A 231 -6.75 11.55 13.93
C LEU A 231 -5.69 12.12 14.87
N LYS A 232 -5.60 11.54 16.05
CA LYS A 232 -4.71 12.06 17.06
C LYS A 232 -3.38 11.27 17.08
N ALA A 233 -3.22 10.41 16.06
CA ALA A 233 -2.08 9.48 15.97
C ALA A 233 -1.81 8.78 17.29
N GLU A 234 -2.87 8.39 17.98
CA GLU A 234 -2.74 7.77 19.27
C GLU A 234 -2.57 6.27 19.06
N TYR A 235 -1.31 5.87 19.02
CA TYR A 235 -0.98 4.47 18.94
C TYR A 235 0.17 4.23 19.92
N GLU A 236 0.43 2.97 20.21
CA GLU A 236 1.50 2.62 21.11
C GLU A 236 2.22 1.42 20.57
N PHE A 237 3.45 1.24 21.01
CA PHE A 237 4.18 0.04 20.71
C PHE A 237 3.97 -0.89 21.90
N ASP A 238 2.87 -1.63 21.85
CA ASP A 238 2.39 -2.44 22.96
C ASP A 238 3.32 -3.60 23.26
N SER A 239 3.45 -3.91 24.54
CA SER A 239 4.08 -5.15 24.96
C SER A 239 2.97 -6.17 25.00
N PRO A 240 3.32 -7.46 24.81
CA PRO A 240 4.68 -7.95 24.63
C PRO A 240 5.21 -7.74 23.21
N TYR A 241 4.32 -7.36 22.30
CA TYR A 241 4.57 -7.49 20.86
C TYR A 241 5.74 -6.67 20.36
N TRP A 242 6.00 -5.55 21.02
CA TRP A 242 7.03 -4.62 20.56
C TRP A 242 8.31 -4.70 21.36
N ASP A 243 8.33 -5.58 22.36
CA ASP A 243 9.47 -5.67 23.26
C ASP A 243 10.78 -6.00 22.52
N ASP A 244 10.70 -6.92 21.57
CA ASP A 244 11.86 -7.39 20.84
C ASP A 244 12.04 -6.60 19.56
N ILE A 245 11.32 -5.48 19.47
CA ILE A 245 11.49 -4.55 18.35
C ILE A 245 12.39 -3.40 18.79
N SER A 246 13.43 -3.15 18.00
CA SER A 246 14.41 -2.12 18.32
C SER A 246 13.78 -0.75 18.44
N ASP A 247 14.42 0.10 19.23
CA ASP A 247 13.97 1.49 19.37
C ASP A 247 14.12 2.18 18.03
N SER A 248 15.11 1.77 17.26
CA SER A 248 15.34 2.31 15.94
C SER A 248 14.10 2.12 15.08
N ALA A 249 13.58 0.90 15.02
CA ALA A 249 12.35 0.59 14.30
C ALA A 249 11.15 1.43 14.76
N LYS A 250 11.03 1.64 16.06
CA LYS A 250 9.96 2.45 16.63
C LYS A 250 10.14 3.91 16.23
N ASP A 251 11.36 4.41 16.39
CA ASP A 251 11.73 5.76 16.01
C ASP A 251 11.31 6.02 14.57
N PHE A 252 11.60 5.04 13.71
CA PHE A 252 11.27 5.08 12.30
C PHE A 252 9.76 5.22 12.08
N ILE A 253 9.00 4.37 12.76
CA ILE A 253 7.54 4.42 12.68
C ILE A 253 6.97 5.73 13.23
N ARG A 254 7.43 6.15 14.40
CA ARG A 254 6.96 7.39 15.00
C ARG A 254 7.08 8.57 14.04
N HIS A 255 8.15 8.58 13.26
CA HIS A 255 8.42 9.68 12.38
C HIS A 255 7.68 9.55 11.08
N LEU A 256 7.15 8.36 10.83
CA LEU A 256 6.27 8.14 9.71
C LEU A 256 4.84 8.29 10.20
N MET A 257 4.56 7.67 11.33
CA MET A 257 3.23 7.75 11.92
C MET A 257 3.10 8.99 12.80
N GLU A 258 3.32 10.15 12.22
CA GLU A 258 3.20 11.42 12.92
C GLU A 258 1.97 12.08 12.38
N LYS A 259 1.09 12.52 13.29
CA LYS A 259 -0.20 13.11 12.87
C LYS A 259 -0.02 14.34 12.00
N ASP A 260 0.98 15.17 12.30
CA ASP A 260 1.28 16.35 11.52
C ASP A 260 2.02 15.92 10.26
N PRO A 261 1.43 16.19 9.09
CA PRO A 261 2.01 15.72 7.84
C PRO A 261 3.31 16.47 7.51
N GLU A 262 3.43 17.69 8.03
CA GLU A 262 4.65 18.47 7.87
C GLU A 262 5.76 17.83 8.67
N LYS A 263 5.47 17.49 9.92
CA LYS A 263 6.46 16.87 10.78
C LYS A 263 6.80 15.48 10.27
N ARG A 264 5.84 14.84 9.62
CA ARG A 264 6.03 13.49 9.12
C ARG A 264 7.23 13.41 8.21
N PHE A 265 8.00 12.34 8.34
CA PHE A 265 9.13 12.06 7.49
C PHE A 265 8.70 11.89 6.05
N THR A 266 9.50 12.42 5.14
CA THR A 266 9.30 12.14 3.71
C THR A 266 9.94 10.78 3.39
N CYS A 267 9.72 10.29 2.17
CA CYS A 267 10.35 9.05 1.72
C CYS A 267 11.85 9.09 1.85
N GLU A 268 12.47 10.16 1.33
CA GLU A 268 13.91 10.39 1.50
C GLU A 268 14.33 10.30 2.96
N GLN A 269 13.66 11.05 3.84
CA GLN A 269 13.96 11.04 5.28
C GLN A 269 13.78 9.66 5.89
N ALA A 270 12.81 8.90 5.39
CA ALA A 270 12.59 7.56 5.88
C ALA A 270 13.61 6.60 5.27
N LEU A 271 14.03 6.91 4.06
CA LEU A 271 15.03 6.11 3.40
C LEU A 271 16.41 6.32 3.96
N GLN A 272 16.64 7.50 4.52
CA GLN A 272 17.93 7.83 5.14
C GLN A 272 18.00 7.42 6.62
N HIS A 273 16.88 6.95 7.14
CA HIS A 273 16.77 6.53 8.54
C HIS A 273 17.55 5.25 8.74
N PRO A 274 18.27 5.15 9.86
CA PRO A 274 19.11 3.98 10.16
C PRO A 274 18.39 2.64 10.01
N TRP A 275 17.12 2.56 10.41
CA TRP A 275 16.42 1.29 10.35
C TRP A 275 16.26 0.80 8.91
N ILE A 276 16.50 1.73 7.97
CA ILE A 276 16.36 1.48 6.55
C ILE A 276 17.72 1.53 5.83
N ALA A 277 18.56 2.47 6.23
CA ALA A 277 19.83 2.75 5.56
C ALA A 277 21.05 2.24 6.32
N GLY A 278 20.92 2.11 7.64
CA GLY A 278 21.99 1.53 8.47
C GLY A 278 21.71 0.10 8.90
N ASP A 279 22.45 -0.36 9.91
CA ASP A 279 22.37 -1.73 10.40
C ASP A 279 21.77 -1.76 11.81
N THR A 280 20.55 -1.26 11.93
CA THR A 280 19.91 -1.15 13.23
C THR A 280 18.66 -2.04 13.34
N ALA A 281 18.17 -2.52 12.20
CA ALA A 281 17.10 -3.50 12.18
C ALA A 281 17.60 -4.81 12.76
N LEU A 282 16.91 -5.27 13.80
CA LEU A 282 17.34 -6.43 14.53
C LEU A 282 17.23 -7.68 13.68
N ASP A 283 18.02 -8.69 14.03
CA ASP A 283 18.01 -9.95 13.34
C ASP A 283 17.25 -10.98 14.17
N LYS A 284 16.48 -10.48 15.15
CA LYS A 284 15.67 -11.31 16.02
C LYS A 284 14.46 -11.80 15.26
N ASN A 285 14.25 -13.11 15.29
CA ASN A 285 13.05 -13.68 14.69
C ASN A 285 11.81 -13.27 15.50
N ILE A 286 10.94 -12.47 14.86
CA ILE A 286 9.66 -12.09 15.45
C ILE A 286 8.43 -12.66 14.72
N HIS A 287 8.67 -13.66 13.88
CA HIS A 287 7.63 -14.27 13.07
C HIS A 287 6.48 -14.82 13.91
N GLN A 288 6.81 -15.62 14.93
CA GLN A 288 5.78 -16.30 15.70
C GLN A 288 4.73 -15.31 16.19
N SER A 289 5.20 -14.18 16.69
CA SER A 289 4.29 -13.19 17.25
C SER A 289 3.63 -12.42 16.13
N VAL A 290 4.41 -12.04 15.13
CA VAL A 290 3.84 -11.23 14.05
C VAL A 290 2.79 -12.01 13.26
N SER A 291 3.07 -13.26 12.94
CA SER A 291 2.12 -14.09 12.22
C SER A 291 0.93 -14.41 13.10
N GLU A 292 1.20 -14.70 14.38
CA GLU A 292 0.14 -14.90 15.38
C GLU A 292 -0.84 -13.70 15.37
N GLN A 293 -0.29 -12.49 15.32
CA GLN A 293 -1.11 -11.28 15.26
C GLN A 293 -1.72 -11.02 13.89
N ILE A 294 -1.01 -11.36 12.82
CA ILE A 294 -1.56 -11.20 11.47
C ILE A 294 -2.78 -12.06 11.27
N LYS A 295 -2.71 -13.31 11.70
CA LYS A 295 -3.84 -14.23 11.56
C LYS A 295 -5.04 -13.73 12.36
N LYS A 296 -4.76 -13.24 13.58
CA LYS A 296 -5.80 -12.70 14.45
C LYS A 296 -6.50 -11.43 13.93
N ASN A 297 -5.91 -10.76 12.93
CA ASN A 297 -6.45 -9.53 12.35
C ASN A 297 -6.85 -9.59 10.87
N PHE A 298 -6.04 -10.25 10.06
CA PHE A 298 -6.23 -10.24 8.59
C PHE A 298 -6.43 -11.65 8.04
N ALA A 299 -7.63 -12.18 8.24
CA ALA A 299 -8.03 -13.46 7.66
C ALA A 299 -8.68 -13.24 6.29
#